data_1B55
#
_entry.id   1B55
#
_cell.length_a   110.205
_cell.length_b   110.205
_cell.length_c   215.528
_cell.angle_alpha   90.00
_cell.angle_beta   90.00
_cell.angle_gamma   90.00
#
_symmetry.space_group_name_H-M   'I 41 2 2'
#
loop_
_entity.id
_entity.type
_entity.pdbx_description
1 polymer 'TYROSINE-PROTEIN KINASE BTK'
2 non-polymer 'ZINC ION'
3 non-polymer INOSITOL-(1,3,4,5)-TETRAKISPHOSPHATE
4 water water
#
_entity_poly.entity_id   1
_entity_poly.type   'polypeptide(L)'
_entity_poly.pdbx_seq_one_letter_code
;AAVILESIFLKRSQQKKKTSPLNFKKRLFLLTVHKLSYYEYDFERGRRGSKKGSIDVEKITCVETVVPEKNPPPERQIPR
RGEESSEMEQISIIERFPYPFQVVYDEGPLYVFSPTEELRKRWIHQLKNVIRYNSDLVQKYHPCFWIDGQYLCCSQTAKN
AMGCQILEN
;
_entity_poly.pdbx_strand_id   A,B
#
loop_
_chem_comp.id
_chem_comp.type
_chem_comp.name
_chem_comp.formula
4IP non-polymer INOSITOL-(1,3,4,5)-TETRAKISPHOSPHATE 'C6 H16 O18 P4'
ZN non-polymer 'ZINC ION' 'Zn 2'
#
# COMPACT_ATOMS: atom_id res chain seq x y z
N ALA A 1 19.23 -6.10 14.00
CA ALA A 1 18.62 -7.19 14.79
C ALA A 1 17.28 -7.67 14.18
N ALA A 2 16.31 -8.02 15.01
CA ALA A 2 15.01 -8.43 14.52
C ALA A 2 14.15 -7.25 14.24
N VAL A 3 13.14 -7.41 13.39
CA VAL A 3 12.26 -6.33 13.24
C VAL A 3 11.09 -6.66 14.15
N ILE A 4 10.73 -5.72 15.02
CA ILE A 4 9.64 -5.88 15.94
C ILE A 4 8.41 -5.45 15.18
N LEU A 5 8.56 -4.42 14.37
CA LEU A 5 7.43 -3.91 13.68
C LEU A 5 7.93 -3.25 12.47
N GLU A 6 7.05 -3.19 11.51
CA GLU A 6 7.29 -2.53 10.23
C GLU A 6 5.94 -2.05 9.58
N SER A 7 5.81 -0.77 9.27
CA SER A 7 4.50 -0.25 8.83
C SER A 7 4.75 0.91 7.94
N ILE A 8 3.76 1.46 7.29
CA ILE A 8 4.06 2.61 6.45
C ILE A 8 3.30 3.71 7.13
N PHE A 9 3.98 4.81 7.47
CA PHE A 9 3.25 5.89 8.09
C PHE A 9 3.58 7.15 7.39
N LEU A 10 2.88 8.18 7.82
CA LEU A 10 3.10 9.49 7.30
C LEU A 10 3.61 10.29 8.51
N LYS A 11 4.85 10.67 8.39
CA LYS A 11 5.62 11.35 9.41
C LYS A 11 5.70 12.83 9.02
N ARG A 12 5.77 13.73 10.02
CA ARG A 12 5.93 15.18 9.75
C ARG A 12 7.38 15.66 9.88
N SER A 13 7.74 16.74 9.19
CA SER A 13 9.15 17.11 9.13
C SER A 13 9.66 17.47 10.46
N GLN A 14 10.80 16.92 10.82
CA GLN A 14 11.29 17.30 12.12
C GLN A 14 11.78 18.69 12.11
N GLN A 15 12.05 19.16 10.90
CA GLN A 15 12.52 20.49 10.84
C GLN A 15 13.72 20.78 11.74
N LYS A 16 14.67 19.85 11.76
CA LYS A 16 15.91 19.99 12.50
C LYS A 16 16.68 21.15 11.98
N LYS A 17 16.64 21.26 10.68
CA LYS A 17 17.23 22.42 10.09
C LYS A 17 16.34 23.61 9.81
N LYS A 18 16.88 24.78 10.10
CA LYS A 18 16.19 26.03 9.81
C LYS A 18 15.46 26.13 8.44
N THR A 19 16.14 25.76 7.39
CA THR A 19 15.63 26.02 6.09
C THR A 19 14.53 25.03 5.70
N SER A 20 14.19 24.10 6.60
CA SER A 20 13.25 22.99 6.34
C SER A 20 11.77 23.26 6.46
N PRO A 21 11.03 22.74 5.49
CA PRO A 21 9.60 22.96 5.43
C PRO A 21 8.90 22.10 6.42
N LEU A 22 7.72 22.52 6.79
CA LEU A 22 6.97 21.68 7.65
C LEU A 22 6.15 20.87 6.70
N ASN A 23 6.52 19.60 6.51
CA ASN A 23 5.81 18.77 5.57
C ASN A 23 5.72 17.32 5.91
N PHE A 24 4.91 16.54 5.17
CA PHE A 24 4.76 15.12 5.50
C PHE A 24 5.29 14.19 4.44
N LYS A 25 5.84 13.06 4.87
CA LYS A 25 6.39 12.08 3.97
C LYS A 25 5.92 10.72 4.28
N LYS A 26 5.65 9.94 3.26
CA LYS A 26 5.25 8.59 3.51
C LYS A 26 6.59 7.89 3.75
N ARG A 27 6.70 7.14 4.85
CA ARG A 27 7.96 6.47 5.08
C ARG A 27 7.74 5.09 5.60
N LEU A 28 8.64 4.21 5.25
CA LEU A 28 8.54 2.89 5.76
C LEU A 28 9.33 2.97 7.10
N PHE A 29 8.65 2.76 8.24
CA PHE A 29 9.21 2.77 9.61
C PHE A 29 9.57 1.37 10.09
N LEU A 30 10.75 1.20 10.70
CA LEU A 30 11.05 -0.07 11.29
C LEU A 30 11.27 0.10 12.77
N LEU A 31 11.30 -1.02 13.45
CA LEU A 31 11.66 -0.97 14.82
C LEU A 31 12.35 -2.23 15.30
N THR A 32 13.60 -2.01 15.70
CA THR A 32 14.37 -2.96 16.48
C THR A 32 14.56 -2.45 17.90
N VAL A 33 15.04 -3.33 18.75
CA VAL A 33 15.39 -2.93 20.08
C VAL A 33 16.39 -1.81 20.01
N HIS A 34 17.05 -1.66 18.90
CA HIS A 34 17.99 -0.61 18.84
C HIS A 34 17.46 0.74 18.46
N LYS A 35 16.81 0.81 17.31
CA LYS A 35 16.32 2.08 16.89
C LYS A 35 15.02 1.99 16.25
N LEU A 36 14.52 3.19 16.01
CA LEU A 36 13.29 3.44 15.29
C LEU A 36 13.78 4.26 14.18
N SER A 37 13.55 3.72 12.99
CA SER A 37 14.15 4.25 11.79
C SER A 37 13.15 4.33 10.74
N TYR A 38 13.33 5.27 9.84
CA TYR A 38 12.45 5.38 8.72
C TYR A 38 13.13 5.64 7.35
N TYR A 39 12.60 4.99 6.31
CA TYR A 39 13.21 4.93 4.99
C TYR A 39 12.22 5.35 4.00
N GLU A 40 12.73 5.83 2.89
CA GLU A 40 11.90 6.13 1.73
C GLU A 40 11.35 4.76 1.31
N TYR A 41 10.14 4.76 0.79
CA TYR A 41 9.62 3.53 0.32
C TYR A 41 9.62 3.42 -1.19
N ASP A 42 10.16 2.34 -1.60
CA ASP A 42 10.24 2.01 -3.00
C ASP A 42 9.05 1.14 -3.37
N PHE A 43 7.93 1.73 -3.67
CA PHE A 43 6.80 0.86 -3.95
C PHE A 43 6.86 0.00 -5.21
N GLU A 44 7.29 0.58 -6.32
CA GLU A 44 7.41 -0.15 -7.57
C GLU A 44 8.08 -1.45 -7.29
N ARG A 45 9.34 -1.38 -6.96
CA ARG A 45 10.06 -2.60 -6.71
C ARG A 45 9.58 -3.33 -5.49
N GLY A 46 8.79 -2.67 -4.65
CA GLY A 46 8.39 -3.22 -3.35
C GLY A 46 9.54 -3.31 -2.28
N ARG A 47 10.38 -2.31 -2.10
CA ARG A 47 11.34 -2.52 -1.03
C ARG A 47 11.74 -1.29 -0.28
N ARG A 48 12.36 -1.52 0.84
CA ARG A 48 12.68 -0.35 1.57
C ARG A 48 13.74 0.41 0.86
N GLY A 49 13.65 1.70 1.01
CA GLY A 49 14.61 2.47 0.28
C GLY A 49 15.70 3.04 1.15
N SER A 50 16.10 4.23 0.76
CA SER A 50 17.11 5.00 1.45
C SER A 50 16.58 5.44 2.80
N LYS A 51 17.45 5.26 3.80
CA LYS A 51 17.11 5.63 5.15
C LYS A 51 17.05 7.13 5.22
N LYS A 52 16.12 7.63 6.02
CA LYS A 52 15.93 9.04 6.08
C LYS A 52 16.00 9.50 7.51
N GLY A 53 16.27 8.63 8.47
CA GLY A 53 16.43 9.02 9.88
C GLY A 53 16.25 7.88 10.83
N SER A 54 16.81 8.04 12.03
CA SER A 54 16.50 7.13 13.12
C SER A 54 16.47 7.87 14.42
N ILE A 55 15.95 7.17 15.37
CA ILE A 55 16.01 7.64 16.68
C ILE A 55 16.40 6.44 17.53
N ASP A 56 17.50 6.61 18.32
CA ASP A 56 17.99 5.48 19.10
C ASP A 56 17.02 5.17 20.20
N VAL A 57 16.60 3.93 20.32
CA VAL A 57 15.59 3.52 21.28
C VAL A 57 15.86 3.91 22.71
N GLU A 58 17.04 4.31 23.03
CA GLU A 58 17.33 4.56 24.41
C GLU A 58 17.29 6.04 24.65
N LYS A 59 17.52 6.84 23.64
CA LYS A 59 17.35 8.23 23.85
C LYS A 59 15.88 8.68 23.98
N ILE A 60 14.93 7.75 23.97
CA ILE A 60 13.49 8.05 23.98
C ILE A 60 12.85 8.31 25.35
N THR A 61 12.48 9.55 25.61
CA THR A 61 11.95 9.89 26.91
C THR A 61 10.54 9.52 27.06
N CYS A 62 9.84 9.42 25.94
CA CYS A 62 8.37 9.32 25.88
C CYS A 62 7.78 8.98 24.48
N VAL A 63 6.61 8.31 24.54
CA VAL A 63 5.79 7.94 23.40
C VAL A 63 4.29 7.96 23.71
N GLU A 64 3.49 8.67 22.93
CA GLU A 64 2.07 8.72 23.22
C GLU A 64 1.29 9.16 22.01
N THR A 65 -0.03 9.17 22.16
CA THR A 65 -0.91 9.72 21.17
C THR A 65 -0.70 11.23 21.22
N VAL A 66 -1.21 11.99 20.26
CA VAL A 66 -1.10 13.45 20.17
C VAL A 66 -2.53 13.80 19.87
N VAL A 67 -2.97 14.99 20.26
CA VAL A 67 -4.33 15.41 19.99
C VAL A 67 -4.39 15.78 18.53
N PRO A 68 -5.33 15.19 17.84
CA PRO A 68 -5.42 15.35 16.43
C PRO A 68 -5.69 16.81 16.13
N GLU A 69 -5.12 17.25 15.04
CA GLU A 69 -5.30 18.59 14.62
C GLU A 69 -6.73 18.76 14.24
N LYS A 70 -7.18 19.99 14.34
CA LYS A 70 -8.56 20.35 14.23
C LYS A 70 -9.13 20.30 12.85
N ASN A 71 -8.33 20.62 11.85
CA ASN A 71 -8.79 20.63 10.45
C ASN A 71 -7.70 20.06 9.59
N PRO A 72 -7.50 18.75 9.70
CA PRO A 72 -6.52 18.07 8.92
C PRO A 72 -7.09 17.95 7.54
N PRO A 73 -6.22 18.10 6.57
CA PRO A 73 -6.57 17.91 5.22
C PRO A 73 -6.79 16.40 5.06
N PRO A 74 -7.49 16.00 3.98
CA PRO A 74 -7.93 14.63 3.74
C PRO A 74 -6.92 13.52 3.87
N GLU A 75 -5.65 13.80 3.66
CA GLU A 75 -4.72 12.71 3.79
C GLU A 75 -4.62 12.21 5.22
N ARG A 76 -5.16 13.01 6.16
CA ARG A 76 -5.15 12.62 7.54
C ARG A 76 -6.46 12.94 8.12
N GLN A 77 -7.55 12.61 7.43
CA GLN A 77 -8.86 12.90 7.96
C GLN A 77 -9.50 11.59 8.22
N ILE A 78 -10.50 11.55 9.06
CA ILE A 78 -11.22 10.29 9.23
C ILE A 78 -12.38 10.26 8.23
N PRO A 79 -12.43 9.19 7.46
CA PRO A 79 -13.47 9.13 6.46
C PRO A 79 -14.88 9.04 7.09
N ARG A 80 -15.84 8.69 6.23
CA ARG A 80 -17.20 8.30 6.57
C ARG A 80 -17.39 6.74 6.44
N ARG A 81 -16.96 6.20 5.27
CA ARG A 81 -17.02 4.79 4.81
C ARG A 81 -16.57 4.70 3.33
N MET A 88 -12.22 0.36 -0.31
CA MET A 88 -10.96 -0.37 -0.58
C MET A 88 -9.86 0.06 0.32
N GLU A 89 -9.48 -0.91 1.04
CA GLU A 89 -8.68 -0.53 2.09
C GLU A 89 -7.28 -0.59 1.70
N GLN A 90 -6.91 -1.73 1.21
CA GLN A 90 -5.58 -1.83 0.69
C GLN A 90 -4.98 -0.57 0.12
N ILE A 91 -5.80 0.34 -0.37
CA ILE A 91 -5.23 1.55 -0.89
C ILE A 91 -5.22 2.57 0.20
N SER A 92 -6.39 2.78 0.80
CA SER A 92 -6.59 3.80 1.86
C SER A 92 -5.57 3.83 3.01
N ILE A 93 -5.14 2.62 3.32
CA ILE A 93 -4.23 2.26 4.37
C ILE A 93 -2.80 2.64 4.00
N ILE A 94 -2.67 3.22 2.80
CA ILE A 94 -1.39 3.74 2.35
C ILE A 94 -1.58 5.06 1.78
N GLU A 95 -2.73 5.63 1.99
CA GLU A 95 -2.82 7.00 1.56
C GLU A 95 -3.48 7.89 2.56
N ARG A 96 -4.20 7.28 3.49
CA ARG A 96 -4.91 8.05 4.48
C ARG A 96 -4.36 7.67 5.83
N PHE A 97 -3.75 8.64 6.51
CA PHE A 97 -3.14 8.35 7.82
C PHE A 97 -3.64 9.29 8.87
N PRO A 98 -4.73 8.99 9.50
CA PRO A 98 -5.21 10.01 10.39
C PRO A 98 -4.92 9.86 11.89
N TYR A 99 -4.17 8.89 12.40
CA TYR A 99 -4.02 8.68 13.85
C TYR A 99 -2.59 8.91 14.30
N PRO A 100 -2.27 10.10 14.81
CA PRO A 100 -0.88 10.37 15.08
C PRO A 100 -0.44 10.02 16.44
N PHE A 101 0.86 9.98 16.51
CA PHE A 101 1.47 9.70 17.76
C PHE A 101 2.82 10.28 17.80
N GLN A 102 3.38 10.29 19.00
CA GLN A 102 4.57 11.07 19.15
C GLN A 102 5.59 10.25 19.89
N VAL A 103 6.79 10.29 19.30
CA VAL A 103 7.99 9.62 19.76
C VAL A 103 8.91 10.72 20.06
N VAL A 104 9.08 10.94 21.38
CA VAL A 104 9.84 12.07 21.85
C VAL A 104 11.14 11.60 22.35
N TYR A 105 12.10 12.47 22.17
CA TYR A 105 13.49 12.28 22.55
C TYR A 105 14.26 13.62 22.72
N ASP A 106 15.55 13.53 23.01
CA ASP A 106 16.29 14.73 23.31
C ASP A 106 16.09 15.85 22.31
N GLU A 107 16.09 15.57 21.01
CA GLU A 107 15.94 16.68 20.07
C GLU A 107 14.53 17.27 19.95
N GLY A 108 13.53 16.51 20.40
CA GLY A 108 12.15 16.95 20.40
C GLY A 108 11.25 15.79 20.14
N PRO A 109 10.14 16.01 19.43
CA PRO A 109 9.24 14.94 19.11
C PRO A 109 9.17 14.64 17.62
N LEU A 110 9.15 13.36 17.32
CA LEU A 110 8.88 12.94 15.98
C LEU A 110 7.40 12.59 15.97
N TYR A 111 6.65 13.16 15.00
CA TYR A 111 5.22 12.93 14.80
C TYR A 111 4.89 11.95 13.71
N VAL A 112 4.06 10.98 14.00
CA VAL A 112 3.90 9.90 13.12
C VAL A 112 2.45 9.56 13.07
N PHE A 113 1.92 9.61 11.86
CA PHE A 113 0.57 9.26 11.65
C PHE A 113 0.34 7.85 11.19
N SER A 114 -0.67 7.28 11.79
CA SER A 114 -0.98 5.95 11.41
C SER A 114 -2.33 5.91 10.74
N PRO A 115 -2.45 5.00 9.79
CA PRO A 115 -3.63 4.94 9.00
C PRO A 115 -4.74 4.29 9.80
N THR A 116 -4.44 3.33 10.69
CA THR A 116 -5.47 2.81 11.61
C THR A 116 -5.10 2.95 13.09
N GLU A 117 -6.11 2.79 13.95
CA GLU A 117 -5.89 2.93 15.36
C GLU A 117 -5.14 1.77 15.82
N GLU A 118 -5.51 0.58 15.34
CA GLU A 118 -4.89 -0.62 15.91
C GLU A 118 -3.45 -0.56 15.68
N LEU A 119 -3.14 -0.10 14.50
CA LEU A 119 -1.76 -0.02 14.11
C LEU A 119 -1.01 0.91 15.12
N ARG A 120 -1.68 2.00 15.48
CA ARG A 120 -1.08 3.01 16.31
C ARG A 120 -0.94 2.39 17.65
N LYS A 121 -1.98 1.67 18.02
CA LYS A 121 -1.96 0.99 19.28
C LYS A 121 -0.76 0.11 19.26
N ARG A 122 -0.70 -0.74 18.24
CA ARG A 122 0.36 -1.71 18.22
C ARG A 122 1.70 -1.07 18.46
N TRP A 123 1.95 -0.02 17.77
CA TRP A 123 3.25 0.58 17.84
C TRP A 123 3.53 1.18 19.23
N ILE A 124 2.59 1.90 19.74
CA ILE A 124 2.84 2.61 20.99
C ILE A 124 3.20 1.67 22.07
N HIS A 125 2.52 0.59 22.03
CA HIS A 125 2.79 -0.45 22.96
C HIS A 125 4.17 -1.05 22.82
N GLN A 126 4.52 -1.57 21.70
CA GLN A 126 5.86 -2.08 21.60
C GLN A 126 6.92 -1.08 21.96
N LEU A 127 6.68 0.12 21.50
CA LEU A 127 7.63 1.21 21.72
C LEU A 127 7.74 1.34 23.23
N LYS A 128 6.59 1.33 23.84
CA LYS A 128 6.62 1.25 25.28
C LYS A 128 7.53 0.14 25.79
N ASN A 129 7.15 -1.11 25.55
CA ASN A 129 8.01 -2.21 25.97
C ASN A 129 9.40 -1.80 25.67
N VAL A 130 9.59 -1.38 24.46
CA VAL A 130 10.96 -1.15 24.16
C VAL A 130 11.64 -0.17 25.06
N ILE A 131 10.89 0.82 25.53
CA ILE A 131 11.53 1.90 26.31
C ILE A 131 11.37 1.83 27.85
N ARG A 132 10.58 0.85 28.31
CA ARG A 132 10.33 0.60 29.72
C ARG A 132 11.40 0.91 30.72
N TYR A 133 12.68 0.61 30.43
CA TYR A 133 13.77 0.77 31.41
C TYR A 133 14.72 1.79 30.96
N ASN A 134 14.23 2.71 30.17
CA ASN A 134 15.08 3.77 29.69
C ASN A 134 15.40 4.59 30.87
N SER A 135 16.43 5.41 30.75
CA SER A 135 16.85 6.22 31.88
C SER A 135 16.20 7.60 32.01
N ASP A 136 15.55 8.05 30.93
CA ASP A 136 14.91 9.37 30.90
C ASP A 136 13.42 9.47 30.58
N LEU A 137 12.75 8.45 30.93
CA LEU A 137 11.41 8.50 30.70
C LEU A 137 10.76 9.64 31.43
N VAL A 138 10.62 10.74 30.73
CA VAL A 138 9.77 11.85 31.22
C VAL A 138 8.40 11.47 31.68
N GLN A 139 7.85 12.32 32.55
CA GLN A 139 6.55 12.06 33.15
C GLN A 139 5.54 13.13 32.79
N LYS A 140 6.05 14.23 32.20
CA LYS A 140 5.23 15.29 31.64
C LYS A 140 5.52 15.35 30.12
N TYR A 141 4.45 15.49 29.30
CA TYR A 141 4.54 15.54 27.84
C TYR A 141 3.63 16.65 27.35
N HIS A 142 3.62 16.91 26.04
CA HIS A 142 2.66 17.82 25.38
C HIS A 142 1.69 16.99 24.56
N PRO A 143 0.45 16.98 24.95
CA PRO A 143 -0.49 16.12 24.25
C PRO A 143 -0.99 16.65 22.92
N CYS A 144 -0.67 17.93 22.63
CA CYS A 144 -0.96 18.64 21.40
C CYS A 144 0.27 18.85 20.53
N PHE A 145 0.10 19.23 19.29
CA PHE A 145 1.29 19.38 18.45
C PHE A 145 2.06 20.59 18.77
N TRP A 146 3.30 20.58 18.30
CA TRP A 146 4.16 21.72 18.27
C TRP A 146 3.88 22.33 16.91
N ILE A 147 3.53 23.59 16.85
CA ILE A 147 3.19 24.08 15.55
C ILE A 147 3.31 25.55 15.54
N ASP A 148 3.89 26.00 14.44
CA ASP A 148 4.02 27.42 14.23
C ASP A 148 4.76 28.11 15.33
N GLY A 149 5.71 27.47 15.96
CA GLY A 149 6.57 28.21 16.88
C GLY A 149 6.47 27.79 18.31
N GLN A 150 5.41 27.06 18.58
CA GLN A 150 5.22 26.66 19.91
C GLN A 150 4.16 25.62 19.92
N TYR A 151 4.02 25.15 21.14
CA TYR A 151 3.09 24.11 21.47
C TYR A 151 1.69 24.62 21.76
N LEU A 152 0.71 24.07 21.07
CA LEU A 152 -0.63 24.45 21.37
C LEU A 152 -0.98 24.24 22.80
N CYS A 153 -0.57 23.12 23.36
CA CYS A 153 -1.17 22.85 24.64
C CYS A 153 -0.79 23.91 25.67
N CYS A 154 0.44 24.36 25.61
CA CYS A 154 0.93 25.27 26.60
C CYS A 154 1.68 26.45 25.95
N SER A 155 1.53 26.62 24.70
CA SER A 155 2.13 27.76 24.12
C SER A 155 3.59 27.91 24.35
N GLN A 156 4.24 26.97 24.99
CA GLN A 156 5.69 27.13 25.08
C GLN A 156 6.31 26.99 23.72
N THR A 157 7.41 27.65 23.55
CA THR A 157 8.05 27.70 22.27
C THR A 157 9.25 26.74 22.08
N ALA A 158 9.97 26.38 23.14
CA ALA A 158 11.09 25.46 22.99
C ALA A 158 10.61 24.13 22.50
N LYS A 159 10.75 23.85 21.23
CA LYS A 159 10.40 22.55 20.71
C LYS A 159 10.60 21.39 21.68
N ASN A 160 11.65 21.44 22.50
CA ASN A 160 11.86 20.41 23.48
C ASN A 160 11.66 20.95 24.85
N ALA A 161 10.61 21.73 24.96
CA ALA A 161 10.12 22.20 26.23
C ALA A 161 9.60 21.02 27.03
N MET A 162 9.50 21.25 28.32
CA MET A 162 8.88 20.33 29.24
C MET A 162 7.37 20.25 28.97
N GLY A 163 6.85 19.05 28.91
CA GLY A 163 5.45 18.81 28.70
C GLY A 163 4.63 19.55 29.71
N CYS A 164 3.43 19.93 29.35
CA CYS A 164 2.72 20.71 30.26
C CYS A 164 1.78 19.79 30.93
N GLN A 165 1.86 18.51 30.65
CA GLN A 165 0.93 17.60 31.33
C GLN A 165 1.47 16.27 31.80
N ILE A 166 1.00 15.83 32.95
CA ILE A 166 1.45 14.64 33.55
C ILE A 166 0.31 13.73 33.44
N LEU A 167 0.59 12.64 32.82
CA LEU A 167 -0.38 11.63 32.68
C LEU A 167 -0.06 10.68 33.77
N GLU A 168 -0.82 10.61 34.82
CA GLU A 168 -0.35 9.60 35.74
C GLU A 168 -1.54 8.77 35.96
N ASN A 169 -1.37 7.51 35.54
CA ASN A 169 -2.46 6.50 35.48
C ASN A 169 -3.85 7.19 35.46
N ALA B 1 -16.75 7.19 -15.86
CA ALA B 1 -18.11 6.64 -15.69
C ALA B 1 -18.48 6.76 -14.24
N ALA B 2 -17.73 5.98 -13.49
CA ALA B 2 -17.89 5.90 -12.08
C ALA B 2 -17.11 4.64 -11.81
N VAL B 3 -16.07 4.72 -10.96
CA VAL B 3 -15.26 3.54 -10.73
C VAL B 3 -16.09 2.47 -10.18
N ILE B 4 -15.67 1.23 -10.31
CA ILE B 4 -16.47 0.13 -9.82
C ILE B 4 -15.45 -0.69 -9.05
N LEU B 5 -14.23 -0.24 -9.09
CA LEU B 5 -13.24 -1.02 -8.36
C LEU B 5 -11.91 -0.36 -8.62
N GLU B 6 -10.88 -0.81 -7.92
CA GLU B 6 -9.68 -0.02 -7.89
C GLU B 6 -8.74 -0.64 -6.97
N SER B 7 -7.68 -1.11 -7.52
CA SER B 7 -6.86 -1.85 -6.66
C SER B 7 -5.52 -1.77 -7.24
N ILE B 8 -4.63 -2.54 -6.65
CA ILE B 8 -3.27 -2.47 -7.03
C ILE B 8 -2.91 -3.88 -7.24
N PHE B 9 -2.86 -4.29 -8.51
CA PHE B 9 -2.43 -5.64 -8.73
C PHE B 9 -1.14 -5.42 -9.36
N LEU B 10 -0.48 -6.55 -9.47
CA LEU B 10 0.74 -6.79 -10.23
C LEU B 10 0.19 -7.31 -11.58
N LYS B 11 0.97 -7.22 -12.67
CA LYS B 11 0.45 -7.59 -13.99
C LYS B 11 1.64 -7.96 -14.82
N ARG B 12 1.50 -9.02 -15.57
CA ARG B 12 2.67 -9.44 -16.34
C ARG B 12 2.70 -8.63 -17.69
N SER B 13 3.87 -8.48 -18.32
CA SER B 13 3.95 -7.72 -19.58
C SER B 13 3.02 -8.33 -20.62
N GLN B 14 2.26 -7.49 -21.33
CA GLN B 14 1.36 -7.96 -22.39
C GLN B 14 2.12 -8.30 -23.63
N GLN B 15 3.33 -7.76 -23.67
CA GLN B 15 4.28 -8.03 -24.73
C GLN B 15 3.92 -7.71 -26.14
N LYS B 16 2.77 -7.07 -26.25
CA LYS B 16 2.30 -6.43 -27.45
C LYS B 16 3.48 -6.09 -28.39
N LYS B 17 4.56 -5.51 -27.90
CA LYS B 17 5.66 -5.31 -28.83
C LYS B 17 6.67 -6.44 -28.84
N LYS B 18 7.31 -6.58 -30.00
CA LYS B 18 8.18 -7.72 -30.19
C LYS B 18 9.33 -7.59 -29.27
N THR B 19 9.76 -6.36 -29.11
CA THR B 19 10.84 -6.08 -28.16
C THR B 19 10.43 -6.49 -26.73
N SER B 20 9.25 -6.05 -26.35
CA SER B 20 8.86 -6.23 -25.01
C SER B 20 9.32 -7.53 -24.35
N PRO B 21 10.10 -7.41 -23.26
CA PRO B 21 10.43 -8.58 -22.41
C PRO B 21 9.21 -8.89 -21.55
N LEU B 22 9.32 -9.94 -20.79
CA LEU B 22 8.16 -10.20 -19.99
C LEU B 22 8.49 -9.77 -18.61
N ASN B 23 7.61 -9.02 -18.01
CA ASN B 23 7.82 -8.64 -16.63
C ASN B 23 6.55 -8.20 -15.99
N PHE B 24 6.64 -7.94 -14.69
CA PHE B 24 5.45 -7.57 -13.96
C PHE B 24 5.60 -6.18 -13.44
N LYS B 25 4.52 -5.42 -13.45
CA LYS B 25 4.50 -4.10 -12.96
C LYS B 25 3.38 -4.03 -11.97
N LYS B 26 3.54 -3.14 -10.99
CA LYS B 26 2.60 -2.98 -9.92
C LYS B 26 1.75 -1.92 -10.48
N ARG B 27 0.47 -2.11 -10.54
CA ARG B 27 -0.22 -1.03 -11.22
C ARG B 27 -1.46 -0.91 -10.50
N LEU B 28 -2.06 0.24 -10.77
CA LEU B 28 -3.29 0.61 -10.15
C LEU B 28 -4.45 0.37 -11.18
N PHE B 29 -5.30 -0.61 -10.87
CA PHE B 29 -6.37 -0.93 -11.76
C PHE B 29 -7.65 -0.27 -11.37
N LEU B 30 -8.32 0.29 -12.37
CA LEU B 30 -9.72 0.73 -12.29
C LEU B 30 -10.76 -0.09 -13.06
N LEU B 31 -12.00 0.25 -12.77
CA LEU B 31 -13.08 -0.42 -13.42
C LEU B 31 -14.25 0.50 -13.52
N THR B 32 -14.69 0.67 -14.75
CA THR B 32 -15.97 1.26 -15.03
C THR B 32 -16.57 0.22 -15.87
N VAL B 33 -17.52 0.70 -16.65
CA VAL B 33 -18.28 -0.13 -17.55
C VAL B 33 -17.61 -0.03 -18.89
N HIS B 34 -17.36 1.16 -19.33
CA HIS B 34 -16.70 1.12 -20.55
C HIS B 34 -15.41 0.37 -20.54
N LYS B 35 -14.44 0.86 -19.83
CA LYS B 35 -13.23 0.12 -19.94
C LYS B 35 -12.74 -0.32 -18.60
N LEU B 36 -11.65 -1.05 -18.65
CA LEU B 36 -10.91 -1.49 -17.52
C LEU B 36 -9.46 -1.02 -17.80
N SER B 37 -8.96 -0.09 -16.98
CA SER B 37 -7.64 0.56 -17.13
C SER B 37 -6.59 0.35 -16.01
N TYR B 38 -5.30 0.38 -16.34
CA TYR B 38 -4.29 0.31 -15.29
C TYR B 38 -3.23 1.41 -15.51
N TYR B 39 -2.76 1.97 -14.38
CA TYR B 39 -1.79 3.06 -14.32
C TYR B 39 -0.60 2.71 -13.46
N GLU B 40 0.37 3.61 -13.58
CA GLU B 40 1.50 3.71 -12.65
C GLU B 40 0.92 4.37 -11.37
N TYR B 41 1.30 3.86 -10.20
CA TYR B 41 0.79 4.39 -8.96
C TYR B 41 1.71 5.40 -8.32
N ASP B 42 1.18 6.57 -8.02
CA ASP B 42 2.08 7.54 -7.42
C ASP B 42 2.16 7.29 -5.95
N PHE B 43 2.89 6.26 -5.52
CA PHE B 43 2.91 5.94 -4.10
C PHE B 43 3.22 7.10 -3.22
N GLU B 44 4.24 7.86 -3.62
CA GLU B 44 4.61 9.02 -2.84
C GLU B 44 3.48 9.99 -2.69
N ARG B 45 3.04 10.62 -3.78
CA ARG B 45 1.88 11.51 -3.68
C ARG B 45 0.62 10.74 -3.37
N GLY B 46 0.69 9.41 -3.36
CA GLY B 46 -0.47 8.63 -3.04
C GLY B 46 -1.54 8.95 -4.08
N ARG B 47 -1.34 8.47 -5.30
CA ARG B 47 -2.32 8.74 -6.33
C ARG B 47 -1.95 8.15 -7.70
N ARG B 48 -2.92 8.25 -8.60
CA ARG B 48 -2.87 7.62 -9.88
C ARG B 48 -1.90 8.34 -10.73
N GLY B 49 -0.96 7.59 -11.25
CA GLY B 49 0.08 8.13 -12.11
C GLY B 49 -0.34 7.97 -13.56
N SER B 50 0.66 7.73 -14.42
CA SER B 50 0.47 7.64 -15.87
C SER B 50 -0.33 6.37 -16.22
N LYS B 51 -1.31 6.51 -17.13
CA LYS B 51 -2.04 5.37 -17.69
C LYS B 51 -1.08 4.48 -18.45
N LYS B 52 -1.17 3.18 -18.21
CA LYS B 52 -0.27 2.28 -18.88
C LYS B 52 -1.03 1.23 -19.78
N GLY B 53 -2.36 1.19 -19.64
CA GLY B 53 -3.19 0.26 -20.40
C GLY B 53 -4.71 0.43 -20.13
N SER B 54 -5.47 -0.12 -21.08
CA SER B 54 -6.91 -0.12 -21.10
C SER B 54 -7.35 -1.29 -22.00
N ILE B 55 -8.57 -1.71 -21.73
CA ILE B 55 -9.15 -2.84 -22.41
C ILE B 55 -10.56 -2.51 -22.35
N ASP B 56 -11.25 -2.58 -23.46
CA ASP B 56 -12.64 -2.12 -23.40
C ASP B 56 -13.40 -3.25 -22.93
N VAL B 57 -14.34 -2.89 -22.09
CA VAL B 57 -15.06 -3.95 -21.44
C VAL B 57 -15.76 -4.90 -22.41
N GLU B 58 -16.31 -4.25 -23.44
CA GLU B 58 -17.04 -4.85 -24.55
C GLU B 58 -16.20 -5.86 -25.26
N LYS B 59 -14.90 -5.59 -25.32
CA LYS B 59 -14.03 -6.47 -26.07
C LYS B 59 -13.64 -7.55 -25.16
N ILE B 60 -14.27 -7.46 -24.00
CA ILE B 60 -13.98 -8.56 -23.14
C ILE B 60 -14.79 -9.78 -23.45
N THR B 61 -14.03 -10.85 -23.59
CA THR B 61 -14.52 -12.18 -24.00
C THR B 61 -14.52 -13.21 -22.87
N CYS B 62 -13.50 -13.13 -22.05
CA CYS B 62 -13.33 -14.09 -20.96
C CYS B 62 -12.49 -13.58 -19.72
N VAL B 63 -13.24 -13.29 -18.61
CA VAL B 63 -12.72 -12.86 -17.28
C VAL B 63 -12.48 -14.11 -16.45
N GLU B 64 -11.29 -14.56 -16.25
CA GLU B 64 -11.37 -15.77 -15.49
C GLU B 64 -10.06 -16.10 -14.83
N THR B 65 -10.18 -16.96 -13.83
CA THR B 65 -9.04 -17.39 -13.07
C THR B 65 -8.08 -17.97 -14.01
N VAL B 66 -6.87 -18.11 -13.53
CA VAL B 66 -5.81 -18.68 -14.29
C VAL B 66 -5.25 -19.57 -13.27
N VAL B 67 -4.10 -20.13 -13.61
CA VAL B 67 -3.53 -21.22 -12.84
C VAL B 67 -2.25 -20.91 -12.14
N PRO B 68 -2.46 -20.53 -10.88
CA PRO B 68 -1.29 -20.37 -10.05
C PRO B 68 -0.13 -21.24 -10.62
N GLU B 69 0.79 -20.50 -11.21
CA GLU B 69 1.95 -21.06 -11.82
C GLU B 69 2.82 -21.77 -10.85
N LYS B 70 3.85 -22.43 -11.39
CA LYS B 70 4.55 -23.45 -10.62
C LYS B 70 5.35 -23.04 -9.38
N ASN B 71 6.24 -22.09 -9.58
CA ASN B 71 7.17 -21.74 -8.51
C ASN B 71 7.34 -20.25 -8.39
N PRO B 72 6.22 -19.66 -7.96
CA PRO B 72 6.07 -18.22 -7.93
C PRO B 72 7.27 -17.58 -7.25
N PRO B 73 7.93 -16.60 -7.86
CA PRO B 73 9.04 -16.00 -7.15
C PRO B 73 8.37 -15.23 -6.02
N PRO B 74 9.10 -15.26 -4.92
CA PRO B 74 8.71 -14.59 -3.74
C PRO B 74 7.56 -13.74 -4.12
N GLU B 75 7.96 -12.59 -4.67
CA GLU B 75 7.04 -11.58 -5.12
C GLU B 75 5.61 -12.11 -5.28
N ARG B 76 5.51 -13.26 -5.89
CA ARG B 76 4.18 -13.73 -6.15
C ARG B 76 3.85 -14.89 -5.24
N GLN B 77 4.87 -15.48 -4.62
CA GLN B 77 4.58 -16.60 -3.73
C GLN B 77 3.42 -16.40 -2.72
N ILE B 78 3.25 -17.37 -1.84
CA ILE B 78 2.20 -17.34 -0.84
C ILE B 78 2.24 -16.10 0.00
N SER B 86 -10.82 -11.69 2.64
CA SER B 86 -9.60 -11.15 2.00
C SER B 86 -8.47 -10.88 3.03
N GLU B 87 -7.26 -11.40 2.66
CA GLU B 87 -5.94 -11.30 3.34
C GLU B 87 -5.49 -9.82 3.57
N MET B 88 -4.67 -9.52 4.64
CA MET B 88 -4.32 -8.11 4.96
C MET B 88 -3.07 -7.54 5.62
N GLU B 89 -1.96 -7.77 4.97
CA GLU B 89 -0.81 -7.07 5.45
C GLU B 89 -0.47 -5.75 4.84
N GLN B 90 -0.86 -4.67 5.52
CA GLN B 90 -0.56 -3.32 5.02
C GLN B 90 0.51 -3.26 3.96
N ILE B 91 1.52 -4.03 4.16
CA ILE B 91 2.58 -4.07 3.24
C ILE B 91 2.66 -5.31 2.37
N SER B 92 2.21 -6.42 2.90
CA SER B 92 2.34 -7.62 2.11
C SER B 92 1.33 -7.53 0.98
N ILE B 93 0.22 -6.97 1.35
CA ILE B 93 -0.90 -6.86 0.47
C ILE B 93 -0.65 -5.86 -0.68
N ILE B 94 0.56 -5.34 -0.74
CA ILE B 94 0.85 -4.40 -1.80
C ILE B 94 2.19 -4.80 -2.13
N GLU B 95 2.55 -5.99 -1.74
CA GLU B 95 3.87 -6.42 -2.12
C GLU B 95 3.88 -7.87 -2.54
N ARG B 96 2.75 -8.53 -2.26
CA ARG B 96 2.61 -9.98 -2.51
C ARG B 96 1.24 -10.22 -3.17
N PHE B 97 1.27 -10.77 -4.42
CA PHE B 97 0.05 -11.01 -5.22
C PHE B 97 0.26 -12.35 -5.83
N PRO B 98 -0.35 -13.34 -5.22
CA PRO B 98 -0.10 -14.71 -5.67
C PRO B 98 -1.28 -15.29 -6.48
N TYR B 99 -2.36 -14.52 -6.57
CA TYR B 99 -3.61 -14.90 -7.14
C TYR B 99 -3.77 -14.37 -8.48
N PRO B 100 -2.99 -14.96 -9.39
CA PRO B 100 -2.92 -14.62 -10.80
C PRO B 100 -4.17 -15.01 -11.51
N PHE B 101 -4.90 -14.03 -12.11
CA PHE B 101 -6.12 -14.25 -12.89
C PHE B 101 -6.07 -13.84 -14.32
N GLN B 102 -7.17 -13.87 -15.02
CA GLN B 102 -6.93 -13.57 -16.42
C GLN B 102 -8.03 -12.94 -17.17
N VAL B 103 -7.70 -11.91 -17.91
CA VAL B 103 -8.73 -11.23 -18.63
C VAL B 103 -8.43 -11.39 -20.07
N VAL B 104 -9.37 -12.02 -20.78
CA VAL B 104 -9.08 -12.24 -22.15
C VAL B 104 -9.95 -11.34 -22.98
N TYR B 105 -9.34 -10.93 -24.06
CA TYR B 105 -9.98 -9.97 -24.95
C TYR B 105 -9.44 -10.17 -26.34
N ASP B 106 -9.91 -9.35 -27.29
CA ASP B 106 -9.49 -9.45 -28.70
C ASP B 106 -8.00 -9.70 -28.91
N GLU B 107 -7.22 -8.73 -28.41
CA GLU B 107 -5.77 -8.72 -28.41
C GLU B 107 -5.25 -9.99 -27.75
N GLY B 108 -5.97 -10.46 -26.73
CA GLY B 108 -5.61 -11.72 -26.06
C GLY B 108 -5.93 -11.74 -24.59
N PRO B 109 -4.95 -12.14 -23.83
CA PRO B 109 -5.21 -12.33 -22.42
C PRO B 109 -4.29 -11.50 -21.57
N LEU B 110 -4.93 -10.74 -20.67
CA LEU B 110 -4.24 -9.98 -19.61
C LEU B 110 -4.18 -10.74 -18.28
N TYR B 111 -2.94 -10.97 -17.87
CA TYR B 111 -2.58 -11.60 -16.62
C TYR B 111 -2.39 -10.68 -15.36
N VAL B 112 -3.46 -10.32 -14.69
CA VAL B 112 -3.42 -9.59 -13.45
C VAL B 112 -3.32 -10.44 -12.17
N PHE B 113 -2.37 -10.12 -11.27
CA PHE B 113 -2.22 -10.81 -9.96
C PHE B 113 -2.62 -10.08 -8.74
N SER B 114 -3.13 -10.94 -7.89
CA SER B 114 -3.80 -10.53 -6.71
C SER B 114 -3.00 -10.84 -5.50
N PRO B 115 -3.07 -9.94 -4.50
CA PRO B 115 -2.40 -10.21 -3.22
C PRO B 115 -3.27 -11.15 -2.41
N THR B 116 -4.60 -10.98 -2.56
CA THR B 116 -5.61 -11.81 -1.91
C THR B 116 -6.92 -12.24 -2.73
N GLU B 117 -7.38 -13.45 -2.42
CA GLU B 117 -8.63 -13.99 -2.92
C GLU B 117 -9.79 -13.08 -2.73
N GLU B 118 -10.35 -12.86 -1.55
CA GLU B 118 -11.49 -11.94 -1.72
C GLU B 118 -11.22 -10.91 -2.82
N LEU B 119 -9.99 -10.40 -2.88
CA LEU B 119 -9.70 -9.40 -3.88
C LEU B 119 -9.96 -9.89 -5.31
N ARG B 120 -9.38 -11.05 -5.67
CA ARG B 120 -9.73 -11.69 -6.95
C ARG B 120 -11.27 -11.67 -7.09
N LYS B 121 -11.90 -12.47 -6.24
CA LYS B 121 -13.34 -12.67 -6.33
C LYS B 121 -13.91 -11.37 -6.66
N ARG B 122 -13.56 -10.44 -5.83
CA ARG B 122 -14.28 -9.22 -5.94
C ARG B 122 -14.28 -8.65 -7.36
N TRP B 123 -13.11 -8.76 -8.01
CA TRP B 123 -12.85 -8.20 -9.36
C TRP B 123 -13.57 -9.07 -10.39
N ILE B 124 -13.05 -10.26 -10.60
CA ILE B 124 -13.77 -11.21 -11.42
C ILE B 124 -15.31 -11.01 -11.42
N HIS B 125 -15.94 -11.48 -10.36
CA HIS B 125 -17.34 -11.21 -10.21
C HIS B 125 -17.65 -9.92 -10.90
N GLN B 126 -17.25 -8.78 -10.33
CA GLN B 126 -17.53 -7.45 -10.89
C GLN B 126 -17.30 -7.39 -12.40
N LEU B 127 -16.28 -8.16 -12.81
CA LEU B 127 -15.89 -8.23 -14.19
C LEU B 127 -17.16 -8.69 -14.92
N LYS B 128 -17.52 -9.94 -14.63
CA LYS B 128 -18.77 -10.51 -15.09
C LYS B 128 -19.91 -9.53 -15.09
N ASN B 129 -20.39 -9.06 -13.97
CA ASN B 129 -21.42 -7.97 -14.05
C ASN B 129 -21.31 -7.07 -15.30
N VAL B 130 -20.05 -6.80 -15.66
CA VAL B 130 -19.78 -5.77 -16.69
C VAL B 130 -19.64 -6.29 -18.14
N ILE B 131 -19.08 -7.50 -18.31
CA ILE B 131 -19.05 -8.15 -19.61
C ILE B 131 -20.36 -8.87 -19.84
N ARG B 132 -20.88 -9.58 -18.83
CA ARG B 132 -22.17 -10.30 -18.90
C ARG B 132 -23.10 -10.13 -20.16
N TYR B 133 -23.43 -8.90 -20.60
CA TYR B 133 -24.26 -8.73 -21.78
C TYR B 133 -23.44 -8.59 -23.04
N ASN B 134 -22.19 -9.04 -23.01
CA ASN B 134 -21.37 -8.74 -24.18
C ASN B 134 -21.86 -9.58 -25.36
N SER B 135 -21.31 -9.17 -26.48
CA SER B 135 -21.54 -9.77 -27.73
C SER B 135 -20.66 -10.97 -27.98
N ASP B 136 -19.67 -11.27 -27.16
CA ASP B 136 -18.81 -12.41 -27.53
C ASP B 136 -18.21 -13.21 -26.42
N LEU B 137 -19.07 -13.43 -25.44
CA LEU B 137 -18.57 -14.20 -24.34
C LEU B 137 -18.23 -15.64 -24.70
N VAL B 138 -17.03 -15.85 -25.22
CA VAL B 138 -16.60 -17.19 -25.49
C VAL B 138 -16.86 -18.11 -24.31
N GLN B 139 -16.80 -19.43 -24.56
CA GLN B 139 -17.13 -20.45 -23.54
C GLN B 139 -16.18 -21.66 -23.40
N LYS B 140 -15.05 -21.54 -24.07
CA LYS B 140 -13.96 -22.47 -23.91
C LYS B 140 -12.78 -21.50 -23.76
N TYR B 141 -11.91 -21.86 -22.81
CA TYR B 141 -10.83 -20.97 -22.34
C TYR B 141 -9.55 -21.69 -21.88
N HIS B 142 -8.52 -20.92 -21.66
CA HIS B 142 -7.34 -21.58 -21.24
C HIS B 142 -7.00 -21.21 -19.83
N PRO B 143 -7.77 -21.77 -18.86
CA PRO B 143 -7.35 -21.63 -17.46
C PRO B 143 -5.78 -21.60 -17.32
N CYS B 144 -5.09 -22.18 -18.32
CA CYS B 144 -3.65 -22.12 -18.43
C CYS B 144 -2.85 -20.83 -18.83
N PHE B 145 -1.51 -20.83 -18.75
CA PHE B 145 -0.78 -19.60 -19.03
C PHE B 145 -0.29 -19.49 -20.44
N TRP B 146 0.24 -18.35 -20.82
CA TRP B 146 0.77 -18.32 -22.15
C TRP B 146 2.21 -18.04 -22.09
N ILE B 147 3.01 -19.05 -22.34
CA ILE B 147 4.35 -18.83 -21.90
C ILE B 147 5.59 -19.42 -22.60
N ASP B 148 6.65 -18.61 -22.72
CA ASP B 148 7.86 -19.14 -23.37
C ASP B 148 7.70 -19.38 -24.89
N GLY B 149 6.50 -19.04 -25.42
CA GLY B 149 6.20 -19.21 -26.83
C GLY B 149 4.79 -19.77 -27.02
N GLN B 150 4.30 -20.44 -25.96
CA GLN B 150 3.03 -21.10 -26.12
C GLN B 150 2.28 -21.49 -24.88
N TYR B 151 0.99 -21.23 -25.01
CA TYR B 151 -0.01 -21.62 -24.03
C TYR B 151 0.10 -23.03 -23.50
N LEU B 152 0.75 -23.28 -22.37
CA LEU B 152 0.55 -24.62 -21.80
C LEU B 152 -0.89 -24.87 -21.27
N CYS B 153 -1.89 -24.34 -21.97
CA CYS B 153 -3.31 -24.66 -21.72
C CYS B 153 -3.56 -25.85 -22.65
N CYS B 154 -3.37 -25.54 -23.91
CA CYS B 154 -3.26 -26.53 -24.93
C CYS B 154 -1.93 -26.11 -25.49
N SER B 155 -0.97 -27.01 -25.56
CA SER B 155 0.33 -26.62 -26.07
C SER B 155 0.35 -25.67 -27.30
N GLN B 156 -0.84 -25.55 -28.00
CA GLN B 156 -1.05 -24.62 -29.12
C GLN B 156 -0.40 -23.20 -28.99
N THR B 157 -0.27 -22.43 -30.10
CA THR B 157 0.60 -21.23 -30.06
C THR B 157 0.04 -19.84 -30.30
N ALA B 158 -1.15 -19.69 -30.87
CA ALA B 158 -1.60 -18.30 -31.08
C ALA B 158 -2.06 -17.67 -29.80
N LYS B 159 -1.45 -16.58 -29.38
CA LYS B 159 -1.99 -15.99 -28.16
C LYS B 159 -3.50 -16.21 -28.20
N ASN B 160 -4.12 -15.50 -29.16
CA ASN B 160 -5.56 -15.54 -29.32
C ASN B 160 -6.02 -16.89 -29.82
N ALA B 161 -5.12 -17.87 -29.75
CA ALA B 161 -5.52 -19.26 -29.94
C ALA B 161 -6.85 -19.48 -29.17
N MET B 162 -7.75 -20.34 -29.71
CA MET B 162 -9.05 -20.69 -29.11
C MET B 162 -8.81 -21.64 -27.92
N GLY B 163 -9.63 -21.48 -26.84
CA GLY B 163 -9.53 -22.20 -25.52
C GLY B 163 -9.64 -23.75 -25.30
N CYS B 164 -8.49 -24.40 -24.96
CA CYS B 164 -8.51 -25.80 -24.50
C CYS B 164 -9.16 -26.04 -23.10
N GLN B 165 -10.43 -25.78 -23.14
CA GLN B 165 -11.26 -26.06 -22.01
C GLN B 165 -12.43 -25.21 -22.26
N ILE B 166 -13.45 -25.48 -21.49
CA ILE B 166 -14.69 -24.78 -21.59
C ILE B 166 -14.98 -24.63 -20.13
N LEU B 167 -15.66 -23.57 -19.82
CA LEU B 167 -16.18 -23.40 -18.50
C LEU B 167 -17.67 -23.30 -18.82
N GLU B 168 -18.52 -24.20 -18.27
CA GLU B 168 -19.92 -24.06 -18.66
C GLU B 168 -20.76 -23.15 -17.80
N ASN B 169 -21.04 -23.63 -16.58
CA ASN B 169 -21.71 -22.96 -15.44
C ASN B 169 -22.10 -23.99 -14.40
ZN ZN C . 2.47 21.51 26.29
C1 4IP D . 12.19 17.32 4.51
O1 4IP D . 11.66 18.18 3.38
C2 4IP D . 11.41 16.12 4.95
O2 4IP D . 10.16 16.44 5.64
C3 4IP D . 12.35 15.39 5.81
O3 4IP D . 11.85 14.10 6.09
C4 4IP D . 12.73 16.21 7.09
O4 4IP D . 13.59 15.42 7.88
C5 4IP D . 13.52 17.37 6.65
O5 4IP D . 13.77 18.20 7.84
C6 4IP D . 12.73 18.19 5.65
O6 4IP D . 13.66 19.03 5.06
P1 4IP D . 12.07 18.06 1.79
O1P 4IP D . 11.11 18.82 0.99
O2P 4IP D . 12.07 16.63 1.39
O3P 4IP D . 13.44 18.63 1.99
P3 4IP D . 12.60 12.82 5.69
O4P 4IP D . 11.65 11.87 6.09
O5P 4IP D . 12.86 13.09 4.30
O6P 4IP D . 13.80 12.86 6.48
P4 4IP D . 13.28 14.87 9.26
O7P 4IP D . 11.87 15.27 9.47
O8P 4IP D . 13.50 13.41 9.11
O9P 4IP D . 14.22 15.55 10.09
P5 4IP D . 15.12 18.42 8.72
OPF 4IP D . 14.73 17.79 9.97
OPG 4IP D . 16.22 17.86 7.98
OPH 4IP D . 15.15 19.86 8.76
ZN ZN E . -6.51 -24.19 -22.55
C1 4IP F . 6.88 -2.87 -20.27
O1 4IP F . 8.33 -3.05 -19.88
C2 4IP F . 5.76 -3.15 -19.22
O2 4IP F . 5.62 -4.49 -18.76
C3 4IP F . 4.50 -2.80 -19.85
O3 4IP F . 3.58 -2.69 -18.87
C4 4IP F . 4.11 -3.75 -21.03
O4 4IP F . 2.91 -3.16 -21.59
C5 4IP F . 5.25 -3.55 -22.08
O5 4IP F . 5.06 -4.34 -23.32
C6 4IP F . 6.64 -3.83 -21.42
O6 4IP F . 7.69 -3.64 -22.32
P1 4IP F . 9.47 -1.94 -19.45
O1P 4IP F . 10.53 -2.80 -18.82
O2P 4IP F . 8.77 -0.95 -18.60
O3P 4IP F . 9.80 -1.36 -20.75
P3 4IP F . 2.96 -1.32 -18.53
O4P 4IP F . 2.08 -1.96 -17.59
O5P 4IP F . 4.21 -0.68 -18.23
O6P 4IP F . 2.29 -0.74 -19.69
P4 4IP F . 1.50 -3.77 -21.60
O7P 4IP F . 1.99 -4.95 -20.96
O8P 4IP F . 0.69 -2.88 -20.70
O9P 4IP F . 1.05 -3.85 -23.09
P5 4IP F . 4.08 -4.16 -24.54
OPF 4IP F . 2.83 -4.89 -24.02
OPG 4IP F . 3.93 -2.76 -24.82
OPH 4IP F . 4.94 -4.83 -25.47
#